data_2H5U
#
_entry.id   2H5U
#
_cell.length_a   52.581
_cell.length_b   77.101
_cell.length_c   130.884
_cell.angle_alpha   90.00
_cell.angle_beta   90.00
_cell.angle_gamma   90.00
#
_symmetry.space_group_name_H-M   'P 21 21 21'
#
loop_
_entity.id
_entity.type
_entity.pdbx_description
1 polymer laccase
2 branched alpha-D-mannopyranose-(1-3)-alpha-D-mannopyranose-(1-6)-alpha-D-mannopyranose-(1-4)-2-acetamido-2-deoxy-beta-D-glucopyranose-(1-4)-2-acetamido-2-deoxy-beta-D-glucopyranose
3 branched alpha-D-mannopyranose-(1-4)-2-acetamido-2-deoxy-beta-D-glucopyranose-(1-4)-2-acetamido-2-deoxy-beta-D-glucopyranose
4 non-polymer 2-acetamido-2-deoxy-beta-D-glucopyranose
5 non-polymer 'COPPER (II) ION'
6 water water
#
_entity_poly.entity_id   1
_entity_poly.type   'polypeptide(L)'
_entity_poly.pdbx_seq_one_letter_code
;GVGPVADNTITNAATSPDGFSRQAVVVNGVTPGPLVAGNIGDRFQLNVIDNLTNHTMLKTTSVHWHGFFQQGTNWADGPA
FINQCPISPGHSFLYDFQVPNQAGTFWYHSHLSTQYCDGLRGPFVVYDPNDPHASRYDVDNDDTTITLADWYHTAAKLGP
AFPNGADSTLINGKGRAPSDSSAQLSVVSVTKGKR(NIY)RFRLVSLSCDPNFTFSIDGHNNTIIETDSVNSQPLNTDSI
QIFAAQRYSFTLNANQAVDNYWIRANPNFGNVGFNGGINSAILRYDGAPAVEPTTNQSTSTQPLNETNLHPLVSTPVPGS
PAAGGVDKAINMAFNFNGSNFFINGASFTPPSVPVLLQILSGAQTAQDLLPSGSV(NIY)TLPSNASIEISFPATAAAPG
APHPFHLHGHVFAVVRSAGSTVYNYSNPIFRDVVSTGTPAAGDNVTIRFLTNNPGPWFLHCHIDFHLEGGFAVVQAEDVP
DVKATNPVPQAWSDLCPTYDANAPSDQ
;
_entity_poly.pdbx_strand_id   A
#
# COMPACT_ATOMS: atom_id res chain seq x y z
N GLY A 1 -8.30 -11.49 -11.38
CA GLY A 1 -7.94 -12.92 -11.56
C GLY A 1 -8.81 -13.83 -10.70
N VAL A 2 -8.53 -13.84 -9.40
CA VAL A 2 -9.36 -14.58 -8.45
C VAL A 2 -10.31 -13.63 -7.71
N GLY A 3 -11.36 -14.18 -7.13
CA GLY A 3 -12.37 -13.39 -6.41
C GLY A 3 -13.53 -12.98 -7.30
N PRO A 4 -14.51 -12.24 -6.75
CA PRO A 4 -14.60 -11.74 -5.37
C PRO A 4 -14.73 -12.81 -4.29
N VAL A 5 -15.17 -14.02 -4.66
CA VAL A 5 -15.26 -15.14 -3.72
C VAL A 5 -14.20 -16.19 -4.09
N ALA A 6 -13.24 -16.39 -3.18
CA ALA A 6 -12.08 -17.25 -3.46
C ALA A 6 -11.36 -17.69 -2.20
N ASP A 7 -10.64 -18.80 -2.31
CA ASP A 7 -9.70 -19.22 -1.29
C ASP A 7 -8.34 -18.59 -1.56
N ASN A 8 -7.73 -18.00 -0.55
CA ASN A 8 -6.35 -17.55 -0.60
C ASN A 8 -5.51 -18.41 0.34
N THR A 9 -4.77 -19.36 -0.23
CA THR A 9 -3.98 -20.30 0.55
C THR A 9 -2.56 -19.79 0.78
N ILE A 10 -2.20 -19.64 2.04
CA ILE A 10 -0.90 -19.09 2.43
C ILE A 10 0.04 -20.21 2.85
N THR A 11 1.19 -20.29 2.20
CA THR A 11 2.21 -21.31 2.50
C THR A 11 3.61 -20.73 2.45
N ASN A 12 4.58 -21.47 2.98
CA ASN A 12 5.99 -21.18 2.74
C ASN A 12 6.48 -22.00 1.56
N ALA A 13 7.23 -21.35 0.66
CA ALA A 13 7.74 -22.02 -0.53
C ALA A 13 9.06 -21.42 -0.99
N ALA A 14 9.84 -22.22 -1.71
CA ALA A 14 11.04 -21.73 -2.38
C ALA A 14 10.66 -20.95 -3.63
N THR A 15 11.20 -19.75 -3.77
CA THR A 15 11.01 -18.94 -4.98
C THR A 15 12.34 -18.34 -5.41
N SER A 16 12.47 -18.03 -6.70
CA SER A 16 13.67 -17.37 -7.20
C SER A 16 13.30 -16.30 -8.24
N PRO A 17 12.73 -15.17 -7.78
CA PRO A 17 12.27 -14.10 -8.69
C PRO A 17 13.42 -13.40 -9.41
N ASP A 18 14.63 -13.54 -8.87
CA ASP A 18 15.84 -12.96 -9.45
C ASP A 18 16.92 -14.02 -9.68
N GLY A 19 16.50 -15.29 -9.68
CA GLY A 19 17.42 -16.41 -9.85
C GLY A 19 18.05 -16.91 -8.57
N PHE A 20 17.82 -16.19 -7.48
CA PHE A 20 18.34 -16.55 -6.17
C PHE A 20 17.24 -17.24 -5.37
N SER A 21 17.38 -18.54 -5.15
CA SER A 21 16.36 -19.30 -4.43
C SER A 21 16.37 -19.00 -2.94
N ARG A 22 15.18 -18.69 -2.41
CA ARG A 22 15.00 -18.53 -0.97
C ARG A 22 13.56 -18.88 -0.57
N GLN A 23 13.39 -19.23 0.71
CA GLN A 23 12.07 -19.48 1.26
C GLN A 23 11.31 -18.18 1.46
N ALA A 24 10.07 -18.15 1.01
CA ALA A 24 9.21 -16.97 1.09
C ALA A 24 7.78 -17.36 1.49
N VAL A 25 7.00 -16.37 1.88
CA VAL A 25 5.57 -16.54 2.12
C VAL A 25 4.86 -16.28 0.79
N VAL A 26 4.08 -17.26 0.33
CA VAL A 26 3.41 -17.16 -0.98
C VAL A 26 1.90 -17.29 -0.87
N VAL A 27 1.19 -16.80 -1.88
CA VAL A 27 -0.27 -16.87 -1.93
C VAL A 27 -0.66 -17.67 -3.16
N ASN A 28 -1.43 -18.73 -2.96
CA ASN A 28 -1.73 -19.69 -4.02
C ASN A 28 -0.46 -20.05 -4.81
N GLY A 29 0.61 -20.35 -4.07
CA GLY A 29 1.86 -20.83 -4.66
C GLY A 29 2.84 -19.79 -5.17
N VAL A 30 2.40 -18.54 -5.27
CA VAL A 30 3.21 -17.49 -5.91
C VAL A 30 3.45 -16.25 -5.03
N THR A 31 4.59 -15.60 -5.25
CA THR A 31 4.81 -14.23 -4.79
C THR A 31 5.37 -13.37 -5.95
N PRO A 32 4.78 -12.18 -6.18
CA PRO A 32 3.62 -11.62 -5.50
C PRO A 32 2.40 -12.49 -5.73
N GLY A 33 1.41 -12.37 -4.85
CA GLY A 33 0.20 -13.17 -4.93
C GLY A 33 -0.63 -12.86 -6.16
N PRO A 34 -1.62 -13.71 -6.46
CA PRO A 34 -2.45 -13.53 -7.65
C PRO A 34 -3.29 -12.25 -7.56
N LEU A 35 -3.66 -11.72 -8.71
CA LEU A 35 -4.58 -10.60 -8.77
C LEU A 35 -5.94 -11.00 -8.20
N VAL A 36 -6.39 -10.25 -7.20
CA VAL A 36 -7.76 -10.37 -6.71
C VAL A 36 -8.57 -9.26 -7.37
N ALA A 37 -9.72 -9.61 -7.93
CA ALA A 37 -10.53 -8.63 -8.64
C ALA A 37 -12.03 -8.78 -8.44
N GLY A 38 -12.74 -7.69 -8.68
CA GLY A 38 -14.20 -7.66 -8.65
C GLY A 38 -14.69 -6.36 -9.25
N ASN A 39 -15.97 -6.07 -9.02
CA ASN A 39 -16.60 -4.85 -9.54
C ASN A 39 -17.20 -4.06 -8.39
N ILE A 40 -17.32 -2.75 -8.57
CA ILE A 40 -17.97 -1.89 -7.58
C ILE A 40 -19.35 -2.46 -7.23
N GLY A 41 -19.66 -2.47 -5.93
CA GLY A 41 -20.90 -3.07 -5.43
C GLY A 41 -20.79 -4.53 -5.02
N ASP A 42 -19.66 -5.17 -5.34
CA ASP A 42 -19.46 -6.59 -5.04
C ASP A 42 -19.30 -6.87 -3.55
N ARG A 43 -19.75 -8.06 -3.16
CA ARG A 43 -19.42 -8.62 -1.87
C ARG A 43 -18.21 -9.54 -2.06
N PHE A 44 -17.15 -9.25 -1.31
CA PHE A 44 -15.94 -10.04 -1.36
C PHE A 44 -15.93 -11.02 -0.21
N GLN A 45 -15.72 -12.29 -0.54
CA GLN A 45 -15.62 -13.35 0.46
C GLN A 45 -14.32 -14.09 0.24
N LEU A 46 -13.27 -13.58 0.87
CA LEU A 46 -11.94 -14.09 0.66
C LEU A 46 -11.51 -14.96 1.83
N ASN A 47 -11.55 -16.27 1.60
CA ASN A 47 -11.20 -17.24 2.63
C ASN A 47 -9.69 -17.45 2.68
N VAL A 48 -9.07 -16.92 3.73
CA VAL A 48 -7.62 -17.00 3.87
C VAL A 48 -7.28 -18.26 4.65
N ILE A 49 -6.61 -19.19 3.97
CA ILE A 49 -6.26 -20.49 4.53
C ILE A 49 -4.79 -20.46 4.95
N ASP A 50 -4.57 -20.47 6.26
CA ASP A 50 -3.21 -20.39 6.80
C ASP A 50 -2.57 -21.78 6.89
N ASN A 51 -1.74 -22.09 5.92
CA ASN A 51 -0.97 -23.34 5.93
C ASN A 51 0.53 -23.11 6.10
N LEU A 52 0.89 -22.03 6.80
CA LEU A 52 2.29 -21.70 7.06
C LEU A 52 2.92 -22.61 8.11
N THR A 53 4.20 -22.92 7.92
CA THR A 53 4.92 -23.89 8.75
C THR A 53 6.23 -23.33 9.32
N ASN A 54 6.59 -22.12 8.89
CA ASN A 54 7.88 -21.51 9.23
C ASN A 54 7.72 -20.38 10.23
N HIS A 55 8.20 -20.60 11.46
CA HIS A 55 8.10 -19.61 12.53
C HIS A 55 8.91 -18.34 12.29
N THR A 56 10.05 -18.48 11.63
CA THR A 56 10.93 -17.34 11.28
C THR A 56 10.21 -16.29 10.42
N MET A 57 9.34 -16.75 9.52
CA MET A 57 8.54 -15.85 8.70
C MET A 57 7.10 -15.75 9.23
N LEU A 58 6.91 -16.28 10.44
CA LEU A 58 5.64 -16.30 11.18
C LEU A 58 4.65 -17.31 10.60
N LYS A 59 4.17 -18.19 11.46
CA LYS A 59 3.19 -19.21 11.08
C LYS A 59 1.78 -18.66 11.12
N THR A 60 1.59 -17.60 11.91
CA THR A 60 0.32 -16.89 11.93
C THR A 60 0.32 -15.83 10.84
N THR A 61 -0.86 -15.31 10.51
CA THR A 61 -0.98 -14.30 9.47
C THR A 61 -2.25 -13.47 9.63
N SER A 62 -2.27 -12.32 8.95
CA SER A 62 -3.43 -11.44 8.94
C SER A 62 -3.33 -10.59 7.69
N VAL A 63 -4.42 -10.49 6.94
CA VAL A 63 -4.39 -9.82 5.64
C VAL A 63 -5.16 -8.49 5.62
N HIS A 64 -4.47 -7.44 5.19
CA HIS A 64 -5.09 -6.13 5.02
C HIS A 64 -5.41 -5.88 3.55
N TRP A 65 -6.62 -5.35 3.32
CA TRP A 65 -7.09 -5.05 1.98
C TRP A 65 -6.95 -3.53 1.80
N HIS A 66 -5.82 -3.13 1.21
CA HIS A 66 -5.35 -1.75 1.25
C HIS A 66 -6.17 -0.77 0.41
N GLY A 67 -6.79 0.20 1.08
CA GLY A 67 -7.51 1.28 0.42
C GLY A 67 -9.01 1.22 0.58
N PHE A 68 -9.51 0.11 1.12
CA PHE A 68 -10.95 -0.08 1.28
C PHE A 68 -11.47 0.49 2.60
N PHE A 69 -12.60 1.20 2.52
CA PHE A 69 -13.19 1.87 3.70
C PHE A 69 -13.62 0.91 4.81
N GLN A 70 -14.05 -0.29 4.43
CA GLN A 70 -14.50 -1.33 5.37
C GLN A 70 -15.59 -0.84 6.34
N GLN A 71 -16.48 0.01 5.83
CA GLN A 71 -17.60 0.53 6.61
C GLN A 71 -18.49 -0.61 7.08
N GLY A 72 -18.63 -0.73 8.41
CA GLY A 72 -19.45 -1.79 9.02
C GLY A 72 -18.74 -3.12 9.11
N THR A 73 -17.54 -3.19 8.54
CA THR A 73 -16.69 -4.36 8.68
C THR A 73 -15.29 -3.97 9.17
N ASN A 74 -15.18 -3.20 10.22
CA ASN A 74 -13.88 -2.89 10.74
C ASN A 74 -13.03 -4.15 11.08
N TRP A 75 -13.71 -5.19 11.54
CA TRP A 75 -13.12 -6.46 11.94
C TRP A 75 -12.30 -7.19 10.86
N ALA A 76 -12.46 -6.80 9.62
CA ALA A 76 -11.84 -7.51 8.51
C ALA A 76 -10.75 -6.66 7.86
N ASP A 77 -10.51 -5.49 8.42
CA ASP A 77 -9.48 -4.57 7.91
C ASP A 77 -8.07 -5.18 7.85
N GLY A 78 -7.71 -5.98 8.84
CA GLY A 78 -6.44 -6.71 8.76
C GLY A 78 -5.35 -6.49 9.80
N PRO A 79 -5.05 -5.21 10.14
CA PRO A 79 -3.94 -4.98 11.10
C PRO A 79 -4.05 -5.80 12.38
N ALA A 80 -3.00 -6.58 12.64
CA ALA A 80 -2.92 -7.45 13.81
C ALA A 80 -2.91 -6.63 15.10
N PHE A 81 -3.80 -7.01 16.01
CA PHE A 81 -3.92 -6.40 17.34
C PHE A 81 -4.55 -5.00 17.30
N ILE A 82 -5.02 -4.62 16.12
CA ILE A 82 -5.84 -3.42 15.97
C ILE A 82 -7.26 -3.87 15.64
N ASN A 83 -7.40 -4.64 14.57
CA ASN A 83 -8.71 -5.06 14.08
C ASN A 83 -9.01 -6.54 14.25
N GLN A 84 -7.97 -7.34 14.54
CA GLN A 84 -8.10 -8.78 14.81
C GLN A 84 -6.83 -9.34 15.47
N CYS A 85 -6.98 -10.51 16.10
CA CYS A 85 -5.82 -11.35 16.36
C CYS A 85 -5.49 -12.07 15.07
N PRO A 86 -4.21 -12.42 14.86
CA PRO A 86 -3.82 -13.15 13.64
C PRO A 86 -4.55 -14.49 13.48
N ILE A 87 -4.68 -14.93 12.22
CA ILE A 87 -5.13 -16.28 11.91
C ILE A 87 -4.02 -17.24 12.34
N SER A 88 -4.39 -18.37 12.92
CA SER A 88 -3.41 -19.34 13.39
C SER A 88 -3.12 -20.40 12.32
N PRO A 89 -1.91 -21.00 12.36
CA PRO A 89 -1.59 -22.05 11.39
C PRO A 89 -2.56 -23.23 11.50
N GLY A 90 -2.92 -23.82 10.36
CA GLY A 90 -3.89 -24.91 10.33
C GLY A 90 -5.33 -24.46 10.42
N HIS A 91 -5.55 -23.14 10.40
CA HIS A 91 -6.89 -22.57 10.45
C HIS A 91 -7.14 -21.70 9.23
N SER A 92 -8.42 -21.47 8.93
CA SER A 92 -8.79 -20.54 7.88
C SER A 92 -9.67 -19.44 8.48
N PHE A 93 -9.69 -18.28 7.82
CA PHE A 93 -10.55 -17.18 8.26
C PHE A 93 -11.14 -16.43 7.07
N LEU A 94 -12.46 -16.26 7.10
CA LEU A 94 -13.19 -15.60 6.01
C LEU A 94 -13.29 -14.09 6.20
N TYR A 95 -12.63 -13.35 5.33
CA TYR A 95 -12.81 -11.92 5.23
C TYR A 95 -14.03 -11.66 4.34
N ASP A 96 -15.06 -11.09 4.92
CA ASP A 96 -16.34 -10.92 4.24
C ASP A 96 -16.75 -9.45 4.29
N PHE A 97 -16.62 -8.77 3.15
CA PHE A 97 -16.87 -7.34 3.09
C PHE A 97 -17.38 -6.88 1.73
N GLN A 98 -17.93 -5.68 1.71
CA GLN A 98 -18.47 -5.09 0.49
C GLN A 98 -17.68 -3.87 0.07
N VAL A 99 -17.70 -3.59 -1.23
CA VAL A 99 -17.09 -2.38 -1.78
C VAL A 99 -18.17 -1.64 -2.58
N PRO A 100 -19.11 -0.98 -1.86
CA PRO A 100 -20.29 -0.39 -2.50
C PRO A 100 -20.04 0.95 -3.18
N ASN A 101 -19.00 1.66 -2.73
CA ASN A 101 -18.80 3.06 -3.07
C ASN A 101 -17.36 3.37 -3.50
N GLN A 102 -16.62 2.35 -3.91
CA GLN A 102 -15.25 2.51 -4.39
C GLN A 102 -15.00 1.68 -5.64
N ALA A 103 -14.15 2.21 -6.50
CA ALA A 103 -13.58 1.47 -7.62
C ALA A 103 -12.14 1.91 -7.78
N GLY A 104 -11.32 1.12 -8.46
CA GLY A 104 -9.94 1.50 -8.73
C GLY A 104 -8.90 0.45 -8.41
N THR A 105 -7.68 0.92 -8.15
CA THR A 105 -6.53 0.05 -7.95
C THR A 105 -6.12 0.01 -6.48
N PHE A 106 -6.04 -1.22 -5.96
CA PHE A 106 -5.74 -1.46 -4.56
C PHE A 106 -4.70 -2.58 -4.49
N TRP A 107 -4.40 -3.04 -3.28
CA TRP A 107 -3.60 -4.23 -3.08
C TRP A 107 -3.91 -4.89 -1.75
N TYR A 108 -3.39 -6.09 -1.55
CA TYR A 108 -3.55 -6.79 -0.29
C TYR A 108 -2.18 -7.22 0.21
N HIS A 109 -2.02 -7.26 1.52
CA HIS A 109 -0.76 -7.67 2.12
C HIS A 109 -0.94 -8.12 3.56
N SER A 110 -0.04 -8.97 4.02
CA SER A 110 0.02 -9.29 5.45
C SER A 110 0.15 -8.00 6.23
N HIS A 111 -0.62 -7.88 7.29
CA HIS A 111 -0.50 -6.77 8.21
C HIS A 111 -0.10 -7.26 9.60
N LEU A 112 0.75 -8.28 9.59
CA LEU A 112 1.33 -8.82 10.81
C LEU A 112 2.84 -8.68 10.72
N SER A 113 3.40 -7.91 11.65
CA SER A 113 4.85 -7.66 11.71
C SER A 113 5.39 -7.26 10.33
N THR A 114 6.53 -7.82 9.95
CA THR A 114 7.14 -7.53 8.65
C THR A 114 6.93 -8.66 7.63
N GLN A 115 5.86 -9.43 7.83
CA GLN A 115 5.59 -10.63 7.03
C GLN A 115 5.34 -10.35 5.55
N TYR A 116 4.80 -9.18 5.21
CA TYR A 116 4.56 -8.87 3.80
C TYR A 116 5.83 -8.66 2.98
N CYS A 117 6.91 -8.23 3.65
CA CYS A 117 8.22 -8.15 3.02
C CYS A 117 8.74 -9.52 2.59
N ASP A 118 8.35 -10.54 3.35
CA ASP A 118 8.72 -11.93 3.06
C ASP A 118 7.90 -12.58 1.93
N GLY A 119 6.91 -11.85 1.40
CA GLY A 119 6.25 -12.26 0.17
C GLY A 119 4.73 -12.18 0.10
N LEU A 120 4.07 -11.98 1.25
CA LEU A 120 2.61 -11.97 1.29
C LEU A 120 2.06 -10.60 0.90
N ARG A 121 1.93 -10.40 -0.41
CA ARG A 121 1.48 -9.14 -1.01
C ARG A 121 1.06 -9.42 -2.45
N GLY A 122 0.00 -8.77 -2.89
CA GLY A 122 -0.48 -8.91 -4.26
C GLY A 122 -1.40 -7.76 -4.64
N PRO A 123 -1.66 -7.60 -5.95
CA PRO A 123 -2.56 -6.54 -6.41
C PRO A 123 -4.04 -6.88 -6.24
N PHE A 124 -4.87 -5.84 -6.17
CA PHE A 124 -6.31 -5.98 -5.95
C PHE A 124 -6.99 -4.91 -6.80
N VAL A 125 -7.82 -5.31 -7.75
CA VAL A 125 -8.50 -4.33 -8.61
C VAL A 125 -10.02 -4.42 -8.52
N VAL A 126 -10.66 -3.27 -8.36
CA VAL A 126 -12.12 -3.18 -8.42
C VAL A 126 -12.52 -2.35 -9.64
N TYR A 127 -13.11 -3.04 -10.62
CA TYR A 127 -13.47 -2.41 -11.89
C TYR A 127 -14.77 -1.62 -11.80
N ASP A 128 -14.87 -0.62 -12.67
CA ASP A 128 -16.07 0.21 -12.76
C ASP A 128 -16.66 0.03 -14.16
N PRO A 129 -17.86 -0.58 -14.25
CA PRO A 129 -18.52 -0.76 -15.55
C PRO A 129 -18.88 0.56 -16.22
N ASN A 130 -18.97 1.62 -15.42
CA ASN A 130 -19.26 2.97 -15.92
C ASN A 130 -18.08 3.91 -15.66
N ASP A 131 -16.87 3.36 -15.73
CA ASP A 131 -15.65 4.11 -15.45
C ASP A 131 -15.60 5.39 -16.29
N PRO A 132 -15.53 6.57 -15.62
CA PRO A 132 -15.52 7.85 -16.33
C PRO A 132 -14.30 8.05 -17.25
N HIS A 133 -13.29 7.20 -17.09
CA HIS A 133 -12.07 7.27 -17.91
C HIS A 133 -12.07 6.27 -19.07
N ALA A 134 -13.14 5.49 -19.20
CA ALA A 134 -13.20 4.39 -20.18
C ALA A 134 -12.88 4.78 -21.63
N SER A 135 -13.21 6.01 -22.01
CA SER A 135 -12.96 6.47 -23.38
C SER A 135 -11.50 6.79 -23.66
N ARG A 136 -10.67 6.80 -22.63
CA ARG A 136 -9.25 7.12 -22.76
C ARG A 136 -8.37 5.90 -23.07
N TYR A 137 -8.96 4.70 -23.02
CA TYR A 137 -8.20 3.47 -23.27
C TYR A 137 -9.02 2.36 -23.90
N ASP A 138 -8.32 1.33 -24.39
CA ASP A 138 -8.92 0.19 -25.07
C ASP A 138 -8.82 -1.09 -24.26
N VAL A 139 -7.71 -1.25 -23.54
CA VAL A 139 -7.43 -2.50 -22.83
C VAL A 139 -7.24 -2.23 -21.34
N ASP A 140 -7.88 -3.07 -20.52
CA ASP A 140 -7.76 -3.03 -19.07
C ASP A 140 -8.09 -4.41 -18.53
N ASN A 141 -7.06 -5.18 -18.21
CA ASN A 141 -7.23 -6.56 -17.75
C ASN A 141 -6.09 -7.03 -16.84
N ASP A 142 -6.02 -8.35 -16.62
CA ASP A 142 -4.96 -8.97 -15.81
C ASP A 142 -3.55 -8.58 -16.24
N ASP A 143 -3.36 -8.42 -17.55
CA ASP A 143 -2.05 -8.17 -18.14
C ASP A 143 -1.64 -6.69 -18.13
N THR A 144 -2.54 -5.82 -17.67
CA THR A 144 -2.22 -4.39 -17.56
C THR A 144 -1.93 -3.95 -16.11
N THR A 145 -1.91 -4.91 -15.20
CA THR A 145 -1.47 -4.66 -13.83
C THR A 145 0.05 -4.78 -13.76
N ILE A 146 0.71 -3.71 -13.34
CA ILE A 146 2.15 -3.72 -13.12
C ILE A 146 2.45 -3.55 -11.63
N THR A 147 3.07 -4.56 -11.03
CA THR A 147 3.43 -4.51 -9.62
C THR A 147 4.92 -4.21 -9.46
N LEU A 148 5.23 -3.37 -8.48
CA LEU A 148 6.62 -3.11 -8.10
C LEU A 148 6.87 -3.63 -6.68
N ALA A 149 8.04 -4.24 -6.48
CA ALA A 149 8.41 -4.75 -5.16
C ALA A 149 9.91 -4.69 -4.91
N ASP A 150 10.28 -4.47 -3.66
CA ASP A 150 11.64 -4.67 -3.18
C ASP A 150 11.82 -6.14 -2.79
N TRP A 151 12.93 -6.73 -3.21
CA TRP A 151 13.20 -8.14 -2.89
C TRP A 151 14.54 -8.33 -2.19
N TYR A 152 14.52 -9.10 -1.09
CA TYR A 152 15.69 -9.30 -0.25
C TYR A 152 16.10 -10.78 -0.23
N HIS A 153 17.40 -11.03 -0.23
CA HIS A 153 17.91 -12.40 -0.20
C HIS A 153 17.92 -12.97 1.22
N THR A 154 17.91 -12.07 2.20
CA THR A 154 17.80 -12.44 3.61
C THR A 154 16.41 -12.04 4.11
N ALA A 155 15.77 -12.97 4.83
CA ALA A 155 14.43 -12.77 5.37
C ALA A 155 14.34 -11.59 6.33
N ALA A 156 13.13 -11.02 6.44
CA ALA A 156 12.86 -9.83 7.24
C ALA A 156 13.37 -9.90 8.68
N LYS A 157 13.19 -11.05 9.33
CA LYS A 157 13.65 -11.22 10.72
C LYS A 157 15.12 -11.60 10.84
N LEU A 158 15.77 -11.91 9.71
CA LEU A 158 17.15 -12.41 9.74
C LEU A 158 18.23 -11.39 9.37
N GLY A 159 17.85 -10.33 8.67
CA GLY A 159 18.80 -9.29 8.27
C GLY A 159 18.82 -8.11 9.22
N PRO A 160 19.31 -6.95 8.76
CA PRO A 160 19.34 -5.75 9.61
C PRO A 160 17.93 -5.27 9.90
N ALA A 161 17.75 -4.61 11.06
CA ALA A 161 16.46 -4.05 11.46
C ALA A 161 15.94 -3.09 10.39
N PHE A 162 16.86 -2.32 9.81
CA PHE A 162 16.55 -1.39 8.74
C PHE A 162 17.53 -1.60 7.58
N PRO A 163 17.20 -2.51 6.64
CA PRO A 163 18.06 -2.83 5.50
C PRO A 163 18.35 -1.60 4.63
N ASN A 164 19.56 -1.56 4.05
CA ASN A 164 19.98 -0.45 3.20
C ASN A 164 19.63 -0.70 1.72
N GLY A 165 18.36 -1.01 1.46
CA GLY A 165 17.90 -1.27 0.11
C GLY A 165 17.74 -2.74 -0.18
N ALA A 166 16.98 -3.04 -1.24
CA ALA A 166 16.73 -4.40 -1.66
C ALA A 166 17.87 -4.95 -2.50
N ASP A 167 17.93 -6.27 -2.61
CA ASP A 167 18.89 -6.94 -3.48
C ASP A 167 18.47 -6.78 -4.93
N SER A 168 17.17 -6.70 -5.16
CA SER A 168 16.63 -6.46 -6.49
C SER A 168 15.24 -5.82 -6.41
N THR A 169 14.94 -4.99 -7.40
CA THR A 169 13.58 -4.53 -7.62
C THR A 169 12.92 -5.55 -8.54
N LEU A 170 11.71 -5.96 -8.18
CA LEU A 170 10.90 -6.83 -9.01
C LEU A 170 9.80 -6.02 -9.70
N ILE A 171 9.68 -6.23 -11.01
CA ILE A 171 8.55 -5.70 -11.77
C ILE A 171 7.78 -6.92 -12.26
N ASN A 172 6.50 -6.98 -11.93
CA ASN A 172 5.67 -8.16 -12.15
C ASN A 172 6.35 -9.46 -11.70
N GLY A 173 6.97 -9.40 -10.53
CA GLY A 173 7.54 -10.59 -9.88
C GLY A 173 8.92 -11.03 -10.31
N LYS A 174 9.51 -10.34 -11.28
CA LYS A 174 10.85 -10.67 -11.77
C LYS A 174 11.75 -9.44 -11.82
N GLY A 175 13.04 -9.65 -11.58
CA GLY A 175 14.03 -8.59 -11.65
C GLY A 175 15.42 -9.17 -11.52
N ARG A 176 16.44 -8.32 -11.65
CA ARG A 176 17.81 -8.79 -11.55
C ARG A 176 18.57 -8.24 -10.34
N ALA A 177 19.33 -9.14 -9.72
CA ALA A 177 20.29 -8.80 -8.68
C ALA A 177 21.69 -8.90 -9.30
N PRO A 178 22.71 -8.30 -8.63
CA PRO A 178 24.10 -8.45 -9.07
C PRO A 178 24.61 -9.89 -9.16
N SER A 179 23.97 -10.79 -8.41
CA SER A 179 24.36 -12.21 -8.38
C SER A 179 24.04 -12.99 -9.67
N ASP A 180 23.14 -12.45 -10.50
CA ASP A 180 22.74 -13.09 -11.74
C ASP A 180 22.16 -12.07 -12.74
N SER A 181 22.99 -11.64 -13.68
CA SER A 181 22.60 -10.60 -14.63
C SER A 181 21.96 -11.14 -15.92
N SER A 182 21.69 -12.45 -15.92
CA SER A 182 21.01 -13.09 -17.05
C SER A 182 19.65 -13.65 -16.61
N ALA A 183 19.25 -13.36 -15.38
CA ALA A 183 17.97 -13.80 -14.84
C ALA A 183 16.81 -13.27 -15.69
N GLN A 184 15.77 -14.09 -15.82
CA GLN A 184 14.60 -13.76 -16.63
C GLN A 184 13.95 -12.44 -16.20
N LEU A 185 13.76 -11.56 -17.17
CA LEU A 185 13.05 -10.31 -16.96
C LEU A 185 11.58 -10.46 -17.31
N SER A 186 10.73 -9.72 -16.59
CA SER A 186 9.32 -9.65 -16.92
C SER A 186 9.11 -8.98 -18.27
N VAL A 187 8.14 -9.49 -19.02
CA VAL A 187 7.77 -8.89 -20.30
C VAL A 187 6.30 -8.46 -20.22
N VAL A 188 6.05 -7.19 -20.54
CA VAL A 188 4.70 -6.68 -20.69
C VAL A 188 4.41 -6.52 -22.17
N SER A 189 3.42 -7.25 -22.67
CA SER A 189 3.10 -7.26 -24.10
C SER A 189 2.07 -6.20 -24.47
N VAL A 190 2.34 -5.48 -25.55
CA VAL A 190 1.38 -4.53 -26.11
C VAL A 190 1.23 -4.74 -27.62
N THR A 191 0.00 -4.60 -28.11
CA THR A 191 -0.27 -4.57 -29.54
C THR A 191 -0.28 -3.11 -29.98
N LYS A 192 0.56 -2.79 -30.98
CA LYS A 192 0.62 -1.44 -31.54
C LYS A 192 -0.76 -0.95 -31.96
N GLY A 193 -1.07 0.30 -31.63
CA GLY A 193 -2.31 0.93 -32.05
C GLY A 193 -3.43 0.85 -31.04
N LYS A 194 -3.14 0.26 -29.88
CA LYS A 194 -4.09 0.19 -28.78
C LYS A 194 -3.60 1.02 -27.59
N ARG A 195 -4.55 1.56 -26.82
CA ARG A 195 -4.25 2.28 -25.58
C ARG A 195 -4.53 1.39 -24.39
N ARG A 197 -4.69 0.78 -20.16
CA ARG A 197 -4.77 1.31 -18.80
C ARG A 197 -3.89 0.45 -17.90
N PHE A 198 -2.66 0.92 -17.68
CA PHE A 198 -1.74 0.22 -16.79
C PHE A 198 -1.97 0.65 -15.35
N ARG A 199 -2.21 -0.33 -14.50
CA ARG A 199 -2.43 -0.09 -13.09
C ARG A 199 -1.15 -0.43 -12.33
N LEU A 200 -0.43 0.63 -11.96
CA LEU A 200 0.86 0.53 -11.29
C LEU A 200 0.68 0.45 -9.78
N VAL A 201 1.13 -0.65 -9.19
CA VAL A 201 0.94 -0.92 -7.77
C VAL A 201 2.29 -1.11 -7.08
N SER A 202 2.59 -0.25 -6.11
CA SER A 202 3.78 -0.45 -5.29
C SER A 202 3.50 -1.38 -4.12
N LEU A 203 4.09 -2.58 -4.19
CA LEU A 203 4.02 -3.56 -3.10
C LEU A 203 5.25 -3.45 -2.21
N SER A 204 5.94 -2.31 -2.31
CA SER A 204 7.26 -2.17 -1.70
C SER A 204 7.16 -2.12 -0.17
N CYS A 205 8.22 -2.57 0.50
CA CYS A 205 8.23 -2.62 1.95
C CYS A 205 9.11 -1.51 2.53
N ASP A 206 9.84 -0.82 1.66
CA ASP A 206 10.74 0.24 2.09
C ASP A 206 10.87 1.33 1.03
N PRO A 207 11.66 1.06 0.00
CA PRO A 207 12.09 2.09 -0.94
C PRO A 207 10.95 2.54 -1.85
N ASN A 208 10.98 3.81 -2.27
CA ASN A 208 10.18 4.25 -3.40
C ASN A 208 10.89 4.01 -4.73
N PHE A 209 10.13 4.14 -5.83
CA PHE A 209 10.66 3.87 -7.16
C PHE A 209 10.30 4.96 -8.12
N THR A 210 11.25 5.33 -8.96
CA THR A 210 11.01 6.30 -10.02
C THR A 210 10.78 5.53 -11.33
N PHE A 211 9.52 5.49 -11.74
CA PHE A 211 9.05 4.63 -12.81
C PHE A 211 8.96 5.37 -14.15
N SER A 212 9.52 4.76 -15.18
CA SER A 212 9.45 5.33 -16.53
C SER A 212 9.54 4.23 -17.59
N ILE A 213 9.05 4.54 -18.80
CA ILE A 213 9.13 3.63 -19.94
C ILE A 213 9.80 4.37 -21.09
N ASP A 214 10.87 3.80 -21.63
CA ASP A 214 11.64 4.43 -22.71
C ASP A 214 10.74 4.74 -23.90
N GLY A 215 10.85 5.97 -24.41
CA GLY A 215 10.15 6.39 -25.62
C GLY A 215 8.65 6.54 -25.52
N HIS A 216 8.11 6.43 -24.30
CA HIS A 216 6.67 6.55 -24.08
C HIS A 216 6.34 7.52 -22.96
N ASN A 217 5.28 8.29 -23.16
CA ASN A 217 4.74 9.14 -22.09
C ASN A 217 3.53 8.46 -21.46
N ASN A 218 3.17 8.92 -20.26
CA ASN A 218 2.09 8.32 -19.50
C ASN A 218 1.03 9.34 -19.12
N THR A 219 -0.25 8.97 -19.25
CA THR A 219 -1.34 9.82 -18.79
C THR A 219 -1.92 9.26 -17.50
N ILE A 220 -1.62 9.91 -16.38
CA ILE A 220 -2.18 9.52 -15.08
C ILE A 220 -3.68 9.85 -15.04
N ILE A 221 -4.49 8.85 -14.71
CA ILE A 221 -5.94 8.99 -14.63
C ILE A 221 -6.50 8.55 -13.27
N GLU A 222 -5.67 7.92 -12.46
CA GLU A 222 -6.04 7.47 -11.12
C GLU A 222 -4.87 7.60 -10.13
N THR A 223 -5.20 8.03 -8.91
CA THR A 223 -4.26 8.20 -7.80
C THR A 223 -4.79 7.45 -6.56
N ASP A 224 -4.08 6.40 -6.15
CA ASP A 224 -4.55 5.52 -5.08
C ASP A 224 -6.09 5.26 -5.09
N SER A 225 -6.69 4.83 -6.15
CA SER A 225 -8.15 4.61 -6.06
C SER A 225 -9.05 5.82 -6.26
N VAL A 226 -8.45 7.01 -6.39
CA VAL A 226 -9.18 8.21 -6.74
C VAL A 226 -8.99 8.68 -8.20
N ASN A 227 -10.10 8.79 -8.93
CA ASN A 227 -10.03 9.28 -10.31
C ASN A 227 -9.50 10.70 -10.36
N SER A 228 -8.47 10.89 -11.18
CA SER A 228 -7.88 12.21 -11.36
C SER A 228 -8.19 12.73 -12.75
N GLN A 229 -8.08 14.04 -12.93
CA GLN A 229 -8.02 14.62 -14.27
C GLN A 229 -6.77 14.06 -14.96
N PRO A 230 -6.83 13.90 -16.30
CA PRO A 230 -5.69 13.35 -17.04
C PRO A 230 -4.43 14.22 -16.93
N LEU A 231 -3.36 13.62 -16.42
CA LEU A 231 -2.08 14.34 -16.28
C LEU A 231 -0.98 13.62 -17.05
N ASN A 232 -0.43 14.28 -18.07
CA ASN A 232 0.65 13.68 -18.84
C ASN A 232 2.00 13.87 -18.17
N THR A 233 2.68 12.75 -17.94
CA THR A 233 3.99 12.72 -17.31
C THR A 233 4.94 11.84 -18.10
N ASP A 234 6.24 11.96 -17.86
CA ASP A 234 7.18 11.01 -18.46
C ASP A 234 7.94 10.19 -17.42
N SER A 235 7.63 10.45 -16.15
CA SER A 235 8.14 9.65 -15.03
C SER A 235 7.23 9.80 -13.80
N ILE A 236 7.15 8.73 -13.01
CA ILE A 236 6.35 8.71 -11.79
C ILE A 236 7.18 8.19 -10.63
N GLN A 237 7.46 9.05 -9.65
CA GLN A 237 8.01 8.57 -8.39
C GLN A 237 6.84 8.04 -7.55
N ILE A 238 6.86 6.73 -7.31
CA ILE A 238 5.80 6.07 -6.56
C ILE A 238 6.34 5.53 -5.23
N PHE A 239 5.69 5.95 -4.15
CA PHE A 239 6.11 5.55 -2.81
C PHE A 239 5.45 4.24 -2.42
N ALA A 240 6.00 3.60 -1.39
CA ALA A 240 5.49 2.31 -0.93
C ALA A 240 4.00 2.39 -0.63
N ALA A 241 3.24 1.44 -1.20
CA ALA A 241 1.79 1.30 -0.98
C ALA A 241 0.90 2.18 -1.86
N GLN A 242 1.50 3.11 -2.60
CA GLN A 242 0.75 3.95 -3.52
C GLN A 242 0.37 3.19 -4.79
N ARG A 243 -0.64 3.70 -5.49
CA ARG A 243 -1.04 3.18 -6.80
C ARG A 243 -1.27 4.33 -7.78
N TYR A 244 -1.00 4.05 -9.05
CA TYR A 244 -1.39 4.94 -10.14
C TYR A 244 -1.93 4.11 -11.30
N SER A 245 -2.97 4.63 -11.95
CA SER A 245 -3.34 4.17 -13.29
C SER A 245 -2.82 5.20 -14.27
N PHE A 246 -2.12 4.72 -15.28
CA PHE A 246 -1.70 5.58 -16.38
C PHE A 246 -2.07 4.93 -17.71
N THR A 247 -2.45 5.78 -18.66
CA THR A 247 -2.71 5.31 -20.01
C THR A 247 -1.43 5.42 -20.83
N LEU A 248 -1.05 4.29 -21.42
CA LEU A 248 0.02 4.24 -22.40
C LEU A 248 -0.59 3.94 -23.76
N ASN A 249 -0.29 4.80 -24.74
CA ASN A 249 -0.63 4.56 -26.12
C ASN A 249 0.53 3.83 -26.78
N ALA A 250 0.28 2.61 -27.27
CA ALA A 250 1.29 1.83 -27.97
C ALA A 250 1.42 2.33 -29.40
N ASN A 251 1.97 3.54 -29.55
CA ASN A 251 2.00 4.26 -30.82
C ASN A 251 3.40 4.40 -31.43
N GLN A 252 4.38 3.79 -30.78
CA GLN A 252 5.76 3.82 -31.27
C GLN A 252 6.00 2.64 -32.20
N ALA A 253 7.20 2.56 -32.77
CA ALA A 253 7.56 1.46 -33.67
C ALA A 253 7.56 0.14 -32.93
N VAL A 254 7.14 -0.92 -33.61
CA VAL A 254 7.20 -2.27 -33.07
C VAL A 254 8.65 -2.53 -32.63
N ASP A 255 8.85 -2.63 -31.32
CA ASP A 255 10.19 -2.77 -30.75
C ASP A 255 10.14 -3.17 -29.27
N ASN A 256 11.32 -3.41 -28.70
CA ASN A 256 11.50 -3.63 -27.26
C ASN A 256 11.95 -2.35 -26.58
N TYR A 257 11.26 -1.99 -25.50
CA TYR A 257 11.54 -0.75 -24.76
C TYR A 257 11.75 -1.07 -23.28
N TRP A 258 12.76 -0.45 -22.68
CA TRP A 258 13.05 -0.65 -21.27
C TRP A 258 11.95 -0.03 -20.40
N ILE A 259 11.35 -0.86 -19.54
CA ILE A 259 10.56 -0.38 -18.42
C ILE A 259 11.52 -0.21 -17.24
N ARG A 260 11.48 0.96 -16.60
CA ARG A 260 12.43 1.30 -15.55
C ARG A 260 11.74 1.61 -14.22
N ALA A 261 12.29 1.09 -13.13
CA ALA A 261 11.81 1.38 -11.77
C ALA A 261 13.01 1.55 -10.82
N ASN A 262 13.54 2.76 -10.79
CA ASN A 262 14.76 3.07 -10.06
C ASN A 262 14.49 3.38 -8.59
N PRO A 263 15.02 2.54 -7.67
CA PRO A 263 14.80 2.75 -6.23
C PRO A 263 15.59 3.96 -5.73
N ASN A 264 15.14 4.56 -4.63
CA ASN A 264 15.82 5.72 -4.07
C ASN A 264 17.15 5.38 -3.37
N PHE A 265 17.26 4.15 -2.87
CA PHE A 265 18.52 3.64 -2.32
C PHE A 265 18.68 2.16 -2.60
N GLY A 266 19.88 1.65 -2.38
CA GLY A 266 20.22 0.25 -2.66
C GLY A 266 21.03 0.16 -3.94
N ASN A 267 20.64 -0.78 -4.80
CA ASN A 267 21.26 -0.94 -6.10
C ASN A 267 20.54 -0.04 -7.09
N VAL A 268 21.07 1.17 -7.28
CA VAL A 268 20.45 2.16 -8.16
C VAL A 268 20.98 2.05 -9.60
N GLY A 269 20.24 2.60 -10.55
CA GLY A 269 20.65 2.56 -11.94
C GLY A 269 20.21 1.29 -12.64
N PHE A 270 20.88 0.95 -13.75
CA PHE A 270 20.38 -0.11 -14.63
C PHE A 270 21.48 -1.01 -15.20
N ASN A 271 22.65 -1.04 -14.54
CA ASN A 271 23.75 -1.92 -14.94
C ASN A 271 23.32 -3.37 -14.93
N GLY A 272 23.45 -4.01 -16.08
CA GLY A 272 23.09 -5.41 -16.25
C GLY A 272 21.60 -5.68 -16.27
N GLY A 273 20.81 -4.64 -16.52
CA GLY A 273 19.35 -4.77 -16.63
C GLY A 273 18.64 -4.91 -15.29
N ILE A 274 19.31 -4.49 -14.21
CA ILE A 274 18.66 -4.38 -12.89
C ILE A 274 17.60 -3.28 -12.91
N ASN A 275 16.64 -3.35 -11.98
CA ASN A 275 15.57 -2.35 -11.86
C ASN A 275 14.79 -2.18 -13.18
N SER A 276 14.67 -3.26 -13.95
CA SER A 276 14.16 -3.19 -15.31
C SER A 276 13.19 -4.31 -15.70
N ALA A 277 12.28 -3.96 -16.61
CA ALA A 277 11.45 -4.94 -17.31
C ALA A 277 11.38 -4.56 -18.78
N ILE A 278 10.65 -5.36 -19.56
CA ILE A 278 10.60 -5.20 -21.01
C ILE A 278 9.18 -4.89 -21.49
N LEU A 279 9.03 -3.78 -22.20
CA LEU A 279 7.83 -3.50 -22.96
C LEU A 279 8.03 -4.04 -24.38
N ARG A 280 7.36 -5.14 -24.69
CA ARG A 280 7.48 -5.79 -26.00
C ARG A 280 6.22 -5.60 -26.83
N TYR A 281 6.36 -4.91 -27.96
CA TYR A 281 5.30 -4.81 -28.96
C TYR A 281 5.14 -6.16 -29.65
N ASP A 282 3.89 -6.56 -29.91
CA ASP A 282 3.60 -7.78 -30.67
C ASP A 282 4.37 -7.75 -31.98
N GLY A 283 5.17 -8.79 -32.22
CA GLY A 283 5.96 -8.89 -33.45
C GLY A 283 7.43 -8.56 -33.28
N ALA A 284 7.79 -7.90 -32.17
CA ALA A 284 9.18 -7.63 -31.85
C ALA A 284 9.88 -8.91 -31.41
N PRO A 285 11.17 -9.07 -31.77
CA PRO A 285 11.93 -10.26 -31.39
C PRO A 285 12.07 -10.45 -29.88
N ALA A 286 12.22 -11.70 -29.45
CA ALA A 286 12.34 -12.03 -28.03
C ALA A 286 13.73 -11.71 -27.49
N VAL A 287 14.09 -10.44 -27.51
CA VAL A 287 15.39 -9.97 -27.04
C VAL A 287 15.22 -8.84 -26.01
N GLU A 288 16.32 -8.44 -25.39
CA GLU A 288 16.35 -7.29 -24.51
C GLU A 288 16.26 -6.00 -25.31
N PRO A 289 15.66 -4.94 -24.73
CA PRO A 289 15.71 -3.62 -25.36
C PRO A 289 17.14 -3.09 -25.41
N THR A 290 17.39 -2.17 -26.33
CA THR A 290 18.64 -1.44 -26.37
C THR A 290 18.34 0.05 -26.36
N THR A 291 17.09 0.38 -26.00
CA THR A 291 16.66 1.77 -25.92
C THR A 291 17.38 2.53 -24.80
N ASN A 292 17.54 3.83 -24.98
CA ASN A 292 18.21 4.65 -23.98
C ASN A 292 17.24 5.49 -23.18
N GLN A 293 17.54 5.68 -21.90
CA GLN A 293 16.71 6.54 -21.05
C GLN A 293 16.93 7.99 -21.41
N SER A 294 15.84 8.75 -21.49
CA SER A 294 15.91 10.18 -21.69
C SER A 294 15.59 10.89 -20.37
N THR A 295 16.14 12.08 -20.20
CA THR A 295 15.86 12.92 -19.03
C THR A 295 14.35 13.13 -18.91
N SER A 296 13.84 12.98 -17.70
CA SER A 296 12.44 13.30 -17.42
C SER A 296 12.27 14.82 -17.49
N THR A 297 11.39 15.26 -18.38
CA THR A 297 11.10 16.69 -18.55
C THR A 297 9.69 17.02 -18.05
N GLN A 298 8.92 15.97 -17.77
CA GLN A 298 7.58 16.10 -17.23
C GLN A 298 7.37 15.14 -16.05
N PRO A 299 8.18 15.25 -14.99
CA PRO A 299 7.98 14.33 -13.88
C PRO A 299 6.67 14.61 -13.17
N LEU A 300 6.10 13.58 -12.55
CA LEU A 300 4.91 13.76 -11.74
C LEU A 300 5.20 14.61 -10.51
N ASN A 301 4.38 15.63 -10.33
CA ASN A 301 4.32 16.40 -9.09
CA ASN A 301 4.33 16.39 -9.09
C ASN A 301 2.92 16.25 -8.51
N GLU A 302 2.85 15.83 -7.25
CA GLU A 302 1.57 15.60 -6.58
C GLU A 302 0.64 16.81 -6.61
N THR A 303 1.21 18.02 -6.53
CA THR A 303 0.42 19.25 -6.55
C THR A 303 -0.27 19.49 -7.89
N ASN A 304 0.18 18.77 -8.93
CA ASN A 304 -0.42 18.85 -10.27
C ASN A 304 -1.61 17.92 -10.44
N LEU A 305 -1.79 17.02 -9.47
CA LEU A 305 -2.91 16.08 -9.47
C LEU A 305 -4.16 16.70 -8.87
N HIS A 306 -5.28 16.56 -9.58
CA HIS A 306 -6.57 17.05 -9.11
C HIS A 306 -7.66 16.02 -9.41
N PRO A 307 -8.65 15.88 -8.51
CA PRO A 307 -9.74 14.91 -8.73
C PRO A 307 -10.49 15.18 -10.04
N LEU A 308 -10.92 14.09 -10.69
CA LEU A 308 -11.68 14.18 -11.94
C LEU A 308 -13.01 14.91 -11.74
N VAL A 309 -13.68 14.60 -10.64
CA VAL A 309 -14.91 15.30 -10.26
C VAL A 309 -14.66 16.24 -9.08
N SER A 310 -15.46 17.30 -9.00
CA SER A 310 -15.36 18.24 -7.90
C SER A 310 -15.51 17.51 -6.57
N THR A 311 -14.48 17.60 -5.73
CA THR A 311 -14.49 16.92 -4.44
C THR A 311 -14.09 17.89 -3.34
N PRO A 312 -15.07 18.33 -2.54
CA PRO A 312 -14.87 19.30 -1.46
C PRO A 312 -13.89 18.83 -0.39
N VAL A 313 -13.00 19.74 0.00
CA VAL A 313 -12.07 19.50 1.09
C VAL A 313 -12.80 19.67 2.42
N PRO A 314 -12.66 18.69 3.34
CA PRO A 314 -13.24 18.78 4.67
C PRO A 314 -12.85 20.09 5.38
N GLY A 315 -13.82 20.70 6.06
CA GLY A 315 -13.57 21.92 6.83
C GLY A 315 -13.62 23.21 6.03
N SER A 316 -12.99 24.25 6.58
CA SER A 316 -12.96 25.58 5.97
C SER A 316 -11.55 25.94 5.50
N PRO A 317 -11.43 26.85 4.51
CA PRO A 317 -10.13 27.16 3.89
C PRO A 317 -9.21 28.00 4.77
N ALA A 318 -8.75 27.42 5.87
CA ALA A 318 -7.85 28.09 6.81
C ALA A 318 -7.05 27.05 7.59
N ALA A 319 -5.82 27.41 7.98
CA ALA A 319 -4.98 26.54 8.80
C ALA A 319 -5.68 26.22 10.12
N GLY A 320 -6.00 24.95 10.31
CA GLY A 320 -6.73 24.50 11.50
C GLY A 320 -8.23 24.77 11.44
N GLY A 321 -8.73 25.09 10.25
CA GLY A 321 -10.16 25.36 10.03
C GLY A 321 -10.97 24.07 9.96
N VAL A 322 -10.86 23.27 11.02
CA VAL A 322 -11.49 21.96 11.10
C VAL A 322 -12.06 21.76 12.50
N ASP A 323 -12.79 20.66 12.71
CA ASP A 323 -13.31 20.33 14.03
C ASP A 323 -12.22 19.88 14.99
N LYS A 324 -11.19 19.21 14.46
CA LYS A 324 -10.09 18.70 15.28
C LYS A 324 -8.78 18.68 14.49
N ALA A 325 -7.77 19.34 15.04
CA ALA A 325 -6.44 19.36 14.43
C ALA A 325 -5.45 18.56 15.27
N ILE A 326 -4.68 17.70 14.61
CA ILE A 326 -3.69 16.87 15.28
C ILE A 326 -2.33 17.01 14.61
N ASN A 327 -1.30 17.32 15.41
CA ASN A 327 0.07 17.33 14.94
C ASN A 327 0.82 16.08 15.40
N MET A 328 1.59 15.51 14.49
CA MET A 328 2.37 14.31 14.78
C MET A 328 3.85 14.65 14.87
N ALA A 329 4.39 14.67 16.10
CA ALA A 329 5.79 14.94 16.35
C ALA A 329 6.59 13.65 16.36
N PHE A 330 7.57 13.55 15.48
CA PHE A 330 8.33 12.31 15.29
C PHE A 330 9.63 12.26 16.09
N ASN A 331 9.93 11.08 16.63
CA ASN A 331 11.21 10.81 17.29
C ASN A 331 11.72 9.41 16.93
N PHE A 332 13.03 9.21 17.04
CA PHE A 332 13.67 7.94 16.72
C PHE A 332 14.93 7.78 17.56
N ASN A 333 15.09 6.61 18.18
CA ASN A 333 16.16 6.40 19.16
C ASN A 333 17.25 5.41 18.73
N GLY A 334 17.22 5.00 17.47
CA GLY A 334 18.15 3.98 16.98
C GLY A 334 17.48 2.67 16.61
N SER A 335 16.42 2.33 17.35
CA SER A 335 15.71 1.07 17.13
C SER A 335 14.20 1.26 17.02
N ASN A 336 13.66 2.25 17.73
CA ASN A 336 12.24 2.52 17.73
C ASN A 336 11.86 3.91 17.26
N PHE A 337 10.73 4.00 16.57
CA PHE A 337 10.13 5.27 16.19
C PHE A 337 9.04 5.67 17.19
N PHE A 338 8.86 6.97 17.37
CA PHE A 338 7.88 7.51 18.32
C PHE A 338 7.02 8.58 17.64
N ILE A 339 5.72 8.55 17.94
CA ILE A 339 4.84 9.64 17.51
C ILE A 339 4.25 10.28 18.76
N ASN A 340 4.53 11.57 18.94
CA ASN A 340 4.09 12.31 20.11
C ASN A 340 4.49 11.63 21.43
N GLY A 341 5.72 11.12 21.48
CA GLY A 341 6.29 10.53 22.67
C GLY A 341 6.02 9.05 22.89
N ALA A 342 5.23 8.45 22.00
CA ALA A 342 4.86 7.04 22.12
C ALA A 342 5.29 6.20 20.92
N SER A 343 6.02 5.13 21.21
CA SER A 343 6.36 4.11 20.23
C SER A 343 5.31 3.01 20.33
N PHE A 344 4.67 2.69 19.21
CA PHE A 344 3.58 1.73 19.21
C PHE A 344 4.02 0.31 19.55
N THR A 345 3.37 -0.26 20.57
CA THR A 345 3.54 -1.67 20.90
C THR A 345 2.17 -2.33 20.86
N PRO A 346 2.00 -3.36 20.00
CA PRO A 346 0.71 -4.00 19.83
C PRO A 346 0.14 -4.50 21.16
N PRO A 347 -1.15 -4.17 21.44
CA PRO A 347 -1.76 -4.60 22.69
C PRO A 347 -2.11 -6.09 22.66
N SER A 348 -2.25 -6.70 23.83
CA SER A 348 -2.63 -8.10 23.95
C SER A 348 -4.04 -8.35 23.41
N VAL A 349 -4.95 -7.46 23.78
CA VAL A 349 -6.31 -7.48 23.27
C VAL A 349 -6.40 -6.48 22.12
N PRO A 350 -6.79 -6.95 20.92
CA PRO A 350 -6.94 -6.07 19.77
C PRO A 350 -7.81 -4.86 20.10
N VAL A 351 -7.40 -3.69 19.63
CA VAL A 351 -8.08 -2.44 19.91
C VAL A 351 -9.59 -2.55 19.66
N LEU A 352 -9.99 -3.16 18.55
CA LEU A 352 -11.40 -3.37 18.24
C LEU A 352 -12.12 -4.21 19.30
N LEU A 353 -11.46 -5.28 19.75
CA LEU A 353 -12.00 -6.13 20.81
C LEU A 353 -12.09 -5.38 22.15
N GLN A 354 -11.11 -4.52 22.43
CA GLN A 354 -11.18 -3.63 23.59
C GLN A 354 -12.43 -2.76 23.53
N ILE A 355 -12.70 -2.17 22.37
CA ILE A 355 -13.87 -1.31 22.17
C ILE A 355 -15.15 -2.12 22.37
N LEU A 356 -15.21 -3.30 21.76
CA LEU A 356 -16.35 -4.21 21.90
C LEU A 356 -16.55 -4.64 23.36
N SER A 357 -15.47 -4.61 24.13
CA SER A 357 -15.49 -4.95 25.55
C SER A 357 -15.71 -3.73 26.45
N GLY A 358 -16.01 -2.58 25.84
CA GLY A 358 -16.44 -1.39 26.58
C GLY A 358 -15.53 -0.19 26.52
N ALA A 359 -14.27 -0.38 26.14
CA ALA A 359 -13.30 0.71 26.13
C ALA A 359 -13.58 1.71 25.00
N GLN A 360 -13.97 2.94 25.39
CA GLN A 360 -14.41 3.94 24.42
C GLN A 360 -13.63 5.26 24.50
N THR A 361 -12.86 5.44 25.56
CA THR A 361 -12.05 6.64 25.73
C THR A 361 -10.58 6.32 25.55
N ALA A 362 -9.80 7.33 25.16
CA ALA A 362 -8.35 7.19 25.02
C ALA A 362 -7.72 6.68 26.32
N GLN A 363 -8.24 7.15 27.44
CA GLN A 363 -7.80 6.73 28.77
C GLN A 363 -7.92 5.22 28.99
N ASP A 364 -9.05 4.64 28.59
CA ASP A 364 -9.30 3.22 28.76
C ASP A 364 -8.66 2.32 27.70
N LEU A 365 -8.40 2.88 26.52
CA LEU A 365 -7.88 2.11 25.39
C LEU A 365 -6.37 1.92 25.44
N LEU A 366 -5.93 0.72 25.03
CA LEU A 366 -4.51 0.35 25.04
C LEU A 366 -3.99 0.11 23.62
N PRO A 367 -2.70 0.43 23.35
CA PRO A 367 -1.71 0.99 24.28
C PRO A 367 -1.93 2.46 24.63
N SER A 368 -1.59 2.81 25.87
CA SER A 368 -1.75 4.18 26.38
C SER A 368 -0.86 5.16 25.62
N GLY A 369 -1.47 6.24 25.14
CA GLY A 369 -0.76 7.30 24.43
C GLY A 369 -0.67 7.13 22.93
N SER A 370 -1.13 5.98 22.43
CA SER A 370 -1.07 5.67 21.00
C SER A 370 -2.44 5.67 20.33
N VAL A 371 -3.50 5.83 21.12
CA VAL A 371 -4.87 5.81 20.60
C VAL A 371 -5.51 7.20 20.70
N THR A 373 -8.90 9.29 20.14
CA THR A 373 -10.35 9.24 19.96
C THR A 373 -10.84 10.45 19.16
N LEU A 374 -11.56 10.17 18.07
CA LEU A 374 -12.05 11.19 17.16
C LEU A 374 -13.57 11.36 17.26
N PRO A 375 -14.05 12.62 17.20
CA PRO A 375 -15.49 12.87 17.19
C PRO A 375 -16.13 12.37 15.90
N SER A 376 -17.39 11.99 15.97
CA SER A 376 -18.14 11.51 14.83
C SER A 376 -18.56 12.66 13.93
N ASN A 377 -18.66 12.40 12.63
CA ASN A 377 -19.13 13.36 11.64
C ASN A 377 -18.40 14.70 11.72
N ALA A 378 -17.07 14.63 11.80
CA ALA A 378 -16.25 15.80 12.00
C ALA A 378 -15.13 15.88 10.97
N SER A 379 -14.68 17.09 10.69
CA SER A 379 -13.53 17.31 9.83
C SER A 379 -12.25 17.26 10.67
N ILE A 380 -11.26 16.52 10.16
CA ILE A 380 -10.01 16.30 10.88
C ILE A 380 -8.83 16.76 10.02
N GLU A 381 -7.89 17.46 10.64
CA GLU A 381 -6.65 17.83 9.97
C GLU A 381 -5.45 17.26 10.70
N ILE A 382 -4.60 16.54 9.97
CA ILE A 382 -3.38 15.98 10.56
C ILE A 382 -2.15 16.45 9.78
N SER A 383 -1.20 17.01 10.51
CA SER A 383 0.08 17.44 9.94
C SER A 383 1.21 16.52 10.39
N PHE A 384 2.15 16.26 9.47
CA PHE A 384 3.27 15.37 9.71
C PHE A 384 4.59 16.11 9.46
N PRO A 385 4.93 17.11 10.31
CA PRO A 385 6.12 17.91 10.00
C PRO A 385 7.37 17.04 9.92
N ALA A 386 8.08 17.15 8.79
CA ALA A 386 9.29 16.38 8.56
C ALA A 386 10.40 16.86 9.48
N THR A 387 11.07 15.92 10.13
CA THR A 387 12.14 16.25 11.07
C THR A 387 13.32 15.28 10.93
N ALA A 388 14.52 15.79 11.19
CA ALA A 388 15.73 14.96 11.17
C ALA A 388 15.79 14.03 12.39
N ALA A 389 14.91 14.27 13.36
CA ALA A 389 14.75 13.42 14.53
C ALA A 389 14.26 12.02 14.15
N ALA A 390 13.58 11.92 13.01
CA ALA A 390 13.14 10.65 12.48
C ALA A 390 13.73 10.39 11.08
N PRO A 391 14.90 9.72 11.02
CA PRO A 391 15.53 9.38 9.75
C PRO A 391 14.74 8.31 8.97
N GLY A 392 15.00 8.22 7.68
CA GLY A 392 14.29 7.30 6.80
C GLY A 392 13.36 8.02 5.85
N ALA A 393 13.50 9.34 5.78
CA ALA A 393 12.71 10.18 4.88
C ALA A 393 12.99 9.87 3.40
N PRO A 394 11.98 10.06 2.52
CA PRO A 394 10.63 10.50 2.84
C PRO A 394 9.73 9.36 3.31
N HIS A 395 9.09 9.56 4.46
CA HIS A 395 8.17 8.58 5.06
C HIS A 395 6.79 8.64 4.41
N PRO A 396 6.34 7.54 3.80
CA PRO A 396 4.97 7.51 3.28
C PRO A 396 3.97 7.07 4.35
N PHE A 397 3.12 7.99 4.77
CA PHE A 397 2.11 7.69 5.79
C PHE A 397 0.79 7.23 5.19
N HIS A 398 0.19 6.26 5.85
CA HIS A 398 -1.05 5.69 5.37
C HIS A 398 -2.12 5.71 6.44
N LEU A 399 -3.32 6.14 6.04
CA LEU A 399 -4.48 6.13 6.93
C LEU A 399 -5.49 5.09 6.46
N HIS A 400 -5.83 4.17 7.37
CA HIS A 400 -6.83 3.13 7.08
C HIS A 400 -8.25 3.69 7.13
N GLY A 401 -9.16 2.99 6.44
CA GLY A 401 -10.59 3.32 6.47
C GLY A 401 -11.03 4.62 5.84
N HIS A 402 -10.09 5.33 5.21
CA HIS A 402 -10.34 6.68 4.71
C HIS A 402 -9.51 7.06 3.50
N VAL A 403 -10.09 7.92 2.67
CA VAL A 403 -9.32 8.70 1.71
CA VAL A 403 -9.33 8.69 1.70
C VAL A 403 -9.23 10.11 2.25
N PHE A 404 -8.09 10.75 2.07
CA PHE A 404 -7.88 12.10 2.58
C PHE A 404 -7.43 13.06 1.50
N ALA A 405 -7.76 14.34 1.68
CA ALA A 405 -7.25 15.40 0.84
C ALA A 405 -5.82 15.76 1.25
N VAL A 406 -4.92 15.85 0.28
CA VAL A 406 -3.56 16.30 0.53
C VAL A 406 -3.54 17.82 0.35
N VAL A 407 -3.83 18.54 1.43
CA VAL A 407 -3.90 20.01 1.37
C VAL A 407 -2.52 20.63 1.17
N ARG A 408 -1.50 20.04 1.77
CA ARG A 408 -0.11 20.41 1.50
C ARG A 408 0.72 19.17 1.17
N SER A 409 1.31 19.16 -0.02
CA SER A 409 2.16 18.05 -0.47
C SER A 409 3.61 18.31 -0.11
N ALA A 410 4.43 17.26 -0.22
CA ALA A 410 5.87 17.36 -0.03
C ALA A 410 6.50 18.21 -1.13
N GLY A 411 7.50 19.02 -0.76
CA GLY A 411 8.19 19.90 -1.69
C GLY A 411 7.37 21.12 -2.07
N SER A 412 6.32 21.37 -1.31
CA SER A 412 5.41 22.48 -1.57
C SER A 412 5.08 23.23 -0.27
N THR A 413 4.91 24.54 -0.41
CA THR A 413 4.52 25.40 0.71
C THR A 413 3.06 25.81 0.59
N VAL A 414 2.44 25.43 -0.53
CA VAL A 414 1.06 25.78 -0.82
C VAL A 414 0.08 24.92 -0.01
N TYR A 415 -0.95 25.57 0.52
CA TYR A 415 -2.09 24.87 1.08
C TYR A 415 -3.26 24.99 0.10
N ASN A 416 -3.67 23.86 -0.45
CA ASN A 416 -4.76 23.80 -1.42
C ASN A 416 -6.04 23.34 -0.73
N TYR A 417 -6.94 24.29 -0.48
CA TYR A 417 -8.21 23.99 0.16
C TYR A 417 -9.35 23.92 -0.87
N SER A 418 -9.00 24.04 -2.14
CA SER A 418 -9.99 24.07 -3.22
C SER A 418 -10.13 22.74 -3.96
N ASN A 419 -9.07 22.32 -4.64
CA ASN A 419 -9.12 21.11 -5.47
C ASN A 419 -7.92 20.15 -5.33
N PRO A 420 -7.44 19.90 -4.09
CA PRO A 420 -6.28 19.03 -4.00
C PRO A 420 -6.67 17.59 -4.29
N ILE A 421 -5.69 16.78 -4.65
CA ILE A 421 -5.91 15.35 -4.84
C ILE A 421 -6.29 14.69 -3.51
N PHE A 422 -7.12 13.66 -3.60
CA PHE A 422 -7.45 12.79 -2.48
C PHE A 422 -6.71 11.46 -2.69
N ARG A 423 -6.18 10.88 -1.62
CA ARG A 423 -5.51 9.57 -1.70
C ARG A 423 -5.47 8.87 -0.35
N ASP A 424 -4.71 7.77 -0.24
CA ASP A 424 -4.60 7.07 1.04
C ASP A 424 -3.17 6.83 1.55
N VAL A 425 -2.17 7.04 0.69
CA VAL A 425 -0.77 7.00 1.09
C VAL A 425 -0.06 8.25 0.60
N VAL A 426 0.59 8.97 1.51
CA VAL A 426 1.22 10.24 1.15
C VAL A 426 2.64 10.35 1.68
N SER A 427 3.56 10.78 0.81
CA SER A 427 4.92 11.08 1.22
C SER A 427 4.92 12.32 2.11
N THR A 428 5.58 12.21 3.26
CA THR A 428 5.66 13.34 4.19
C THR A 428 6.90 14.21 3.93
N GLY A 429 7.66 13.84 2.90
CA GLY A 429 8.77 14.66 2.42
C GLY A 429 10.02 14.62 3.25
N THR A 430 10.75 15.72 3.25
CA THR A 430 12.07 15.80 3.88
C THR A 430 12.18 17.02 4.81
N PRO A 431 12.96 16.89 5.92
CA PRO A 431 13.26 18.04 6.77
C PRO A 431 14.12 19.11 6.08
N ALA A 432 14.85 18.71 5.03
CA ALA A 432 15.67 19.64 4.26
C ALA A 432 14.83 20.76 3.62
N ALA A 433 13.67 20.38 3.10
CA ALA A 433 12.74 21.31 2.46
C ALA A 433 11.82 21.98 3.48
N GLY A 434 11.92 21.57 4.74
CA GLY A 434 11.05 22.07 5.80
C GLY A 434 9.60 21.67 5.56
N ASP A 435 9.41 20.47 5.04
CA ASP A 435 8.08 19.96 4.71
C ASP A 435 7.18 19.85 5.93
N ASN A 436 5.91 20.16 5.72
CA ASN A 436 4.89 19.98 6.72
C ASN A 436 3.63 19.45 6.02
N VAL A 437 3.73 18.22 5.55
CA VAL A 437 2.66 17.56 4.81
C VAL A 437 1.42 17.45 5.71
N THR A 438 0.31 17.91 5.18
CA THR A 438 -0.92 18.03 5.96
C THR A 438 -2.09 17.41 5.20
N ILE A 439 -2.88 16.63 5.92
CA ILE A 439 -4.02 15.91 5.33
C ILE A 439 -5.34 16.28 6.01
N ARG A 440 -6.45 16.08 5.31
CA ARG A 440 -7.79 16.32 5.85
C ARG A 440 -8.76 15.22 5.47
N PHE A 441 -9.58 14.80 6.43
CA PHE A 441 -10.61 13.80 6.19
C PHE A 441 -11.81 14.01 7.10
N LEU A 442 -12.93 13.38 6.74
CA LEU A 442 -14.16 13.42 7.52
C LEU A 442 -14.35 12.11 8.27
N THR A 443 -14.83 12.20 9.50
CA THR A 443 -15.06 11.02 10.33
C THR A 443 -16.43 10.38 10.08
N ASN A 444 -16.52 9.67 8.96
CA ASN A 444 -17.74 9.05 8.50
C ASN A 444 -17.77 7.52 8.66
N ASN A 445 -16.83 7.00 9.43
CA ASN A 445 -16.55 5.56 9.44
C ASN A 445 -16.17 5.04 10.83
N PRO A 446 -17.16 4.67 11.66
CA PRO A 446 -16.89 4.22 13.03
C PRO A 446 -16.00 2.98 13.11
N GLY A 447 -14.97 3.07 13.95
CA GLY A 447 -14.02 1.97 14.16
C GLY A 447 -12.62 2.47 14.45
N PRO A 448 -11.75 1.58 14.97
CA PRO A 448 -10.33 1.93 15.11
C PRO A 448 -9.59 1.75 13.77
N TRP A 449 -8.88 2.79 13.35
CA TRP A 449 -8.17 2.78 12.09
C TRP A 449 -6.69 3.08 12.29
N PHE A 450 -5.84 2.27 11.67
CA PHE A 450 -4.39 2.40 11.82
C PHE A 450 -3.90 3.58 11.00
N LEU A 451 -2.96 4.32 11.58
CA LEU A 451 -2.31 5.43 10.89
C LEU A 451 -0.81 5.28 11.15
N HIS A 452 -0.06 4.99 10.10
CA HIS A 452 1.34 4.60 10.24
C HIS A 452 2.18 4.86 8.99
N CYS A 453 3.49 4.91 9.19
CA CYS A 453 4.42 4.89 8.07
C CYS A 453 4.34 3.51 7.41
N HIS A 454 4.26 3.48 6.08
CA HIS A 454 4.08 2.22 5.36
C HIS A 454 5.41 1.56 4.95
N ILE A 455 6.53 2.14 5.39
CA ILE A 455 7.80 1.42 5.37
C ILE A 455 7.70 0.43 6.52
N ASP A 456 7.62 -0.85 6.16
CA ASP A 456 7.22 -1.89 7.11
C ASP A 456 8.22 -2.10 8.25
N PHE A 457 9.51 -1.87 7.96
CA PHE A 457 10.55 -1.92 8.99
C PHE A 457 10.38 -0.80 10.02
N HIS A 458 9.84 0.34 9.58
CA HIS A 458 9.55 1.48 10.46
C HIS A 458 8.28 1.22 11.28
N LEU A 459 7.24 0.69 10.63
CA LEU A 459 6.02 0.25 11.32
C LEU A 459 6.39 -0.69 12.47
N GLU A 460 7.25 -1.65 12.16
CA GLU A 460 7.76 -2.63 13.11
C GLU A 460 8.44 -1.97 14.32
N GLY A 461 9.14 -0.87 14.07
CA GLY A 461 9.76 -0.08 15.14
C GLY A 461 8.80 0.78 15.94
N GLY A 462 7.52 0.75 15.58
CA GLY A 462 6.46 1.44 16.33
C GLY A 462 6.03 2.79 15.77
N PHE A 463 6.26 3.00 14.48
CA PHE A 463 5.91 4.26 13.81
C PHE A 463 4.42 4.27 13.44
N ALA A 464 3.57 4.23 14.46
CA ALA A 464 2.14 4.03 14.27
C ALA A 464 1.31 4.60 15.41
N VAL A 465 0.09 5.04 15.09
CA VAL A 465 -0.92 5.40 16.09
C VAL A 465 -2.26 4.84 15.63
N VAL A 466 -3.23 4.84 16.53
CA VAL A 466 -4.60 4.41 16.21
C VAL A 466 -5.56 5.59 16.28
N GLN A 467 -6.32 5.79 15.20
CA GLN A 467 -7.43 6.72 15.20
C GLN A 467 -8.71 5.95 15.54
N ALA A 468 -9.19 6.13 16.77
CA ALA A 468 -10.41 5.47 17.22
C ALA A 468 -11.61 6.37 16.96
N GLU A 469 -12.39 6.01 15.94
CA GLU A 469 -13.43 6.85 15.38
C GLU A 469 -14.82 6.43 15.84
N ASP A 470 -15.57 7.40 16.38
CA ASP A 470 -16.96 7.19 16.80
C ASP A 470 -17.11 5.94 17.67
N VAL A 471 -16.34 5.90 18.75
CA VAL A 471 -16.26 4.72 19.62
C VAL A 471 -17.60 4.21 20.21
N PRO A 472 -18.53 5.11 20.59
CA PRO A 472 -19.79 4.60 21.15
C PRO A 472 -20.70 3.90 20.12
N ASP A 473 -20.40 4.06 18.83
CA ASP A 473 -21.20 3.42 17.76
C ASP A 473 -20.53 2.21 17.11
N VAL A 474 -19.25 2.00 17.45
CA VAL A 474 -18.42 0.95 16.81
C VAL A 474 -19.06 -0.45 16.87
N LYS A 475 -19.49 -0.87 18.06
CA LYS A 475 -20.12 -2.19 18.24
C LYS A 475 -21.37 -2.39 17.37
N ALA A 476 -22.27 -1.42 17.38
CA ALA A 476 -23.53 -1.52 16.62
C ALA A 476 -23.29 -1.49 15.12
N THR A 477 -22.32 -0.67 14.70
CA THR A 477 -21.99 -0.48 13.29
C THR A 477 -21.23 -1.66 12.70
N ASN A 478 -20.37 -2.29 13.52
CA ASN A 478 -19.52 -3.38 13.03
C ASN A 478 -19.80 -4.74 13.69
N PRO A 479 -20.99 -5.34 13.42
CA PRO A 479 -21.23 -6.65 14.03
C PRO A 479 -20.20 -7.66 13.55
N VAL A 480 -19.67 -8.46 14.49
CA VAL A 480 -18.57 -9.36 14.19
C VAL A 480 -19.04 -10.82 14.04
N PRO A 481 -18.48 -11.56 13.07
CA PRO A 481 -18.82 -12.97 12.92
C PRO A 481 -18.18 -13.81 14.02
N GLN A 482 -18.77 -14.98 14.28
CA GLN A 482 -18.25 -15.94 15.26
C GLN A 482 -16.78 -16.28 15.01
N ALA A 483 -16.42 -16.45 13.74
CA ALA A 483 -15.05 -16.77 13.35
C ALA A 483 -14.06 -15.72 13.83
N TRP A 484 -14.46 -14.44 13.77
CA TRP A 484 -13.62 -13.35 14.28
C TRP A 484 -13.48 -13.44 15.79
N SER A 485 -14.59 -13.63 16.49
CA SER A 485 -14.59 -13.80 17.95
C SER A 485 -13.70 -14.96 18.40
N ASP A 486 -13.51 -15.93 17.52
CA ASP A 486 -12.73 -17.14 17.80
C ASP A 486 -11.22 -16.98 17.54
N LEU A 487 -10.84 -15.91 16.85
CA LEU A 487 -9.44 -15.70 16.46
C LEU A 487 -8.50 -15.53 17.65
N CYS A 488 -8.86 -14.67 18.59
CA CYS A 488 -7.99 -14.39 19.74
C CYS A 488 -7.78 -15.59 20.68
N PRO A 489 -8.86 -16.26 21.11
CA PRO A 489 -8.64 -17.47 21.91
C PRO A 489 -7.72 -18.49 21.24
N THR A 490 -7.92 -18.71 19.94
CA THR A 490 -7.11 -19.66 19.18
C THR A 490 -5.64 -19.23 19.12
N TYR A 491 -5.41 -17.96 18.81
CA TYR A 491 -4.07 -17.40 18.75
C TYR A 491 -3.35 -17.43 20.09
N ASP A 492 -4.07 -17.02 21.15
CA ASP A 492 -3.51 -16.98 22.50
C ASP A 492 -3.24 -18.39 23.05
N ALA A 493 -3.90 -19.38 22.46
CA ALA A 493 -3.70 -20.80 22.83
C ALA A 493 -2.49 -21.44 22.15
N ASN A 494 -1.93 -20.75 21.14
CA ASN A 494 -0.75 -21.23 20.43
C ASN A 494 0.49 -21.30 21.31
N ALA A 495 1.29 -22.33 21.11
CA ALA A 495 2.66 -22.32 21.60
C ALA A 495 3.37 -21.19 20.85
N PRO A 496 4.15 -20.36 21.59
CA PRO A 496 4.83 -19.20 20.98
C PRO A 496 5.69 -19.54 19.76
N SER A 497 6.10 -20.80 19.64
CA SER A 497 6.87 -21.27 18.49
C SER A 497 6.00 -21.56 17.26
N ASP A 498 4.68 -21.56 17.46
CA ASP A 498 3.72 -21.74 16.36
C ASP A 498 3.10 -20.41 15.93
N GLN A 499 3.62 -19.32 16.49
CA GLN A 499 3.15 -17.98 16.12
C GLN A 499 3.76 -17.53 14.80
#